data_4KR3
#
_entry.id   4KR3
#
_cell.length_a   134.834
_cell.length_b   87.410
_cell.length_c   80.592
_cell.angle_alpha   90.00
_cell.angle_beta   90.00
_cell.angle_gamma   90.00
#
_symmetry.space_group_name_H-M   'P 21 21 2'
#
loop_
_entity.id
_entity.type
_entity.pdbx_description
1 polymer 'Glycine--tRNA ligase'
2 polymer Gly-tRNA-CCC
3 non-polymer GLYCINE
4 non-polymer 'PHOSPHOAMINOPHOSPHONIC ACID-ADENYLATE ESTER'
5 water water
#
loop_
_entity_poly.entity_id
_entity_poly.type
_entity_poly.pdbx_seq_one_letter_code
_entity_poly.pdbx_strand_id
1 'polypeptide(L)'
;MASPKDDIVDRAKMGDTLKRRFFYDQAFAIYGGVSGLYDFGPVGCALKNNIIQTWRQHFIQEEQILEIDCTMLTPEPVLK
TSGHVDKFADFMVKDVKNGECFRADHLLKAHLQKLMSDKKCSVEKKSEMESVLAQLDNYGQQELADLFVNYNVKSPITGN
DLSPPVSFNLMFKTFIGPGGNMPGYLRPETAQGIFLNFKRLLEFNQGKLPFAAAQIGNSFRNEISPRSGLIRVREFTMAE
IEHFVDPSEKDHPKFQNVADLHLYLYSAKAQVSGQSARKMRLGDAVEQGVINNTVLGYFIGRIYLYLTKVGISPDKLRFR
QHMENEMAHYACDCWDAESKTSYGWIEIVGCADRSCYDLSCHARATKVPLVAEKPLKEPKTVNVVQFEPSKGAIGKAYKK
DAKLVMEYLAICDECYITEMEMLLNEKGEFTIETEGKTFQLTKDMINVKRFQKTLYVEEVVPNVIEPSFGLGRIMYTVFE
HTFHVREGDEQRTFFSFPAVVAPFKCSVLPLSQNQEFMPFVKELSEALTRHGVSHKVDDSSGSIGRRYARTDEIGVAFGV
TIDFDTVNKTPHTATLRDRDSMRQIRAEISELPSIVQDLANGNITWADVEARYPLFEGQETGKKETIEELEHHHHHH
;
A
2 'polyribonucleotide' (GTP)CGCCGCUGGUGUAGUGGUAUCAUGCAAGAUUCCCAUUCUUGCGACCCGGGUUCGAUUCCCGGGCGGCGCACCA C
#
# COMPACT_ATOMS: atom_id res chain seq x y z
N VAL A 9 17.43 -6.71 -11.07
CA VAL A 9 17.33 -7.70 -12.15
C VAL A 9 17.65 -9.10 -11.62
N ASP A 10 18.37 -9.16 -10.52
CA ASP A 10 18.81 -10.44 -9.98
C ASP A 10 17.90 -10.96 -8.89
N ARG A 11 16.92 -11.74 -9.31
CA ARG A 11 15.92 -12.30 -8.40
C ARG A 11 16.50 -13.45 -7.59
N ALA A 12 17.54 -14.09 -8.11
CA ALA A 12 18.25 -15.11 -7.36
C ALA A 12 18.88 -14.47 -6.11
N LYS A 13 19.63 -13.40 -6.34
CA LYS A 13 20.24 -12.61 -5.29
C LYS A 13 19.22 -12.02 -4.33
N MET A 14 18.29 -11.24 -4.89
CA MET A 14 17.22 -10.60 -4.13
C MET A 14 16.53 -11.61 -3.24
N GLY A 15 15.98 -12.64 -3.88
CA GLY A 15 15.37 -13.73 -3.20
C GLY A 15 16.14 -14.40 -2.15
N ASP A 16 17.42 -14.64 -2.40
CA ASP A 16 18.30 -15.21 -1.38
C ASP A 16 18.33 -14.30 -0.15
N THR A 17 18.46 -13.01 -0.39
CA THR A 17 18.48 -12.03 0.70
C THR A 17 17.15 -12.05 1.47
N LEU A 18 16.05 -12.05 0.74
CA LEU A 18 14.72 -12.02 1.33
C LEU A 18 14.44 -13.25 2.19
N LYS A 19 14.97 -14.39 1.74
CA LYS A 19 14.73 -15.66 2.40
C LYS A 19 15.63 -15.85 3.61
N ARG A 20 16.93 -15.62 3.43
CA ARG A 20 17.92 -15.69 4.51
C ARG A 20 17.54 -14.87 5.74
N ARG A 21 16.94 -13.71 5.51
CA ARG A 21 16.67 -12.75 6.57
C ARG A 21 15.21 -12.74 6.98
N PHE A 22 14.45 -13.69 6.44
CA PHE A 22 13.06 -13.89 6.80
C PHE A 22 12.23 -12.63 6.58
N PHE A 23 12.28 -12.08 5.37
CA PHE A 23 11.30 -11.09 4.93
C PHE A 23 9.97 -11.80 4.83
N TYR A 24 9.98 -12.85 4.03
CA TYR A 24 8.88 -13.79 4.01
C TYR A 24 9.38 -15.20 3.68
N ASP A 25 8.95 -16.17 4.48
CA ASP A 25 9.27 -17.57 4.24
C ASP A 25 8.04 -18.28 3.69
N GLN A 26 8.28 -19.41 3.03
CA GLN A 26 7.22 -20.27 2.54
C GLN A 26 6.48 -20.86 3.75
N ALA A 27 5.15 -20.89 3.71
CA ALA A 27 4.37 -21.26 4.88
C ALA A 27 4.46 -22.74 5.22
N PHE A 28 4.63 -23.03 6.51
CA PHE A 28 4.68 -24.40 7.01
C PHE A 28 5.80 -25.22 6.39
N ALA A 29 6.94 -24.55 6.15
CA ALA A 29 8.14 -25.19 5.63
C ALA A 29 8.50 -26.42 6.44
N ILE A 30 8.26 -26.35 7.75
CA ILE A 30 8.52 -27.45 8.67
C ILE A 30 7.77 -28.72 8.25
N TYR A 31 6.53 -28.55 7.81
CA TYR A 31 5.73 -29.66 7.31
C TYR A 31 5.83 -29.79 5.80
N GLY A 32 6.96 -29.35 5.25
CA GLY A 32 7.14 -29.36 3.83
C GLY A 32 6.32 -28.42 3.03
N GLY A 33 6.06 -27.25 3.61
CA GLY A 33 5.38 -26.19 2.92
C GLY A 33 4.03 -26.37 2.32
N VAL A 34 3.48 -25.26 1.84
CA VAL A 34 2.24 -25.29 1.05
C VAL A 34 2.29 -24.17 -0.01
N SER A 35 1.94 -24.53 -1.24
CA SER A 35 1.99 -23.59 -2.36
C SER A 35 1.02 -22.43 -2.17
N GLY A 36 1.43 -21.25 -2.61
CA GLY A 36 0.58 -20.10 -2.53
C GLY A 36 0.27 -19.54 -1.20
N LEU A 37 0.95 -20.04 -0.18
CA LEU A 37 0.79 -19.50 1.16
C LEU A 37 2.15 -19.09 1.72
N TYR A 38 2.24 -17.86 2.17
CA TYR A 38 3.51 -17.28 2.59
C TYR A 38 3.40 -16.52 3.90
N ASP A 39 4.36 -16.73 4.79
CA ASP A 39 4.39 -16.04 6.07
C ASP A 39 5.43 -14.94 6.05
N PHE A 40 5.08 -13.76 6.57
CA PHE A 40 6.01 -12.65 6.57
C PHE A 40 6.73 -12.52 7.91
N GLY A 41 8.05 -12.59 7.89
CA GLY A 41 8.83 -12.39 9.06
C GLY A 41 8.82 -11.03 9.62
N PRO A 42 9.61 -10.81 10.69
CA PRO A 42 9.72 -9.51 11.36
C PRO A 42 9.92 -8.35 10.39
N VAL A 43 10.95 -8.41 9.54
CA VAL A 43 11.25 -7.31 8.62
C VAL A 43 10.16 -7.06 7.59
N GLY A 44 9.68 -8.14 6.96
CA GLY A 44 8.56 -8.06 6.08
C GLY A 44 7.29 -7.60 6.68
N CYS A 45 7.08 -7.96 7.94
CA CYS A 45 5.87 -7.52 8.65
C CYS A 45 5.95 -6.04 8.97
N ALA A 46 7.13 -5.58 9.35
CA ALA A 46 7.37 -4.19 9.65
C ALA A 46 7.11 -3.36 8.39
N LEU A 47 7.71 -3.79 7.29
CA LEU A 47 7.48 -3.13 6.00
C LEU A 47 6.01 -3.11 5.63
N LYS A 48 5.36 -4.26 5.74
CA LYS A 48 3.94 -4.36 5.39
C LYS A 48 3.09 -3.39 6.19
N ASN A 49 3.30 -3.39 7.51
CA ASN A 49 2.60 -2.49 8.40
C ASN A 49 2.80 -1.04 8.00
N ASN A 50 4.06 -0.67 7.77
CA ASN A 50 4.39 0.69 7.33
C ASN A 50 3.66 1.11 6.05
N ILE A 51 3.64 0.19 5.09
CA ILE A 51 2.88 0.38 3.86
C ILE A 51 1.40 0.63 4.14
N ILE A 52 0.83 -0.18 5.03
CA ILE A 52 -0.59 -0.09 5.36
C ILE A 52 -0.92 1.25 6.03
N GLN A 53 -0.14 1.60 7.04
CA GLN A 53 -0.23 2.87 7.76
C GLN A 53 -0.14 4.04 6.79
N THR A 54 0.81 3.94 5.86
CA THR A 54 1.00 4.98 4.85
C THR A 54 -0.25 5.08 3.99
N TRP A 55 -0.84 3.94 3.65
CA TRP A 55 -2.06 3.87 2.85
C TRP A 55 -3.24 4.52 3.57
N ARG A 56 -3.36 4.26 4.86
CA ARG A 56 -4.40 4.86 5.70
C ARG A 56 -4.25 6.38 5.77
N GLN A 57 -3.01 6.84 5.92
CA GLN A 57 -2.75 8.28 5.99
C GLN A 57 -2.96 8.95 4.64
N HIS A 58 -2.73 8.21 3.57
CA HIS A 58 -2.76 8.76 2.21
C HIS A 58 -4.17 8.73 1.62
N PHE A 59 -5.01 7.83 2.12
CA PHE A 59 -6.35 7.65 1.58
C PHE A 59 -7.45 7.93 2.60
N ILE A 60 -7.47 7.16 3.68
CA ILE A 60 -8.50 7.30 4.70
C ILE A 60 -8.44 8.67 5.35
N GLN A 61 -7.25 9.06 5.79
CA GLN A 61 -7.03 10.35 6.41
C GLN A 61 -7.29 11.49 5.43
N GLU A 62 -6.88 11.31 4.19
CA GLU A 62 -6.93 12.37 3.18
C GLU A 62 -8.34 12.58 2.62
N GLU A 63 -9.16 11.53 2.65
CA GLU A 63 -10.47 11.59 2.01
C GLU A 63 -11.64 11.31 2.95
N GLN A 64 -11.36 11.17 4.26
CA GLN A 64 -12.40 10.92 5.24
C GLN A 64 -13.18 9.66 4.91
N ILE A 65 -12.46 8.66 4.40
CA ILE A 65 -13.04 7.39 4.00
C ILE A 65 -13.49 6.62 5.24
N LEU A 66 -14.54 5.82 5.10
CA LEU A 66 -15.10 5.09 6.24
C LEU A 66 -14.61 3.66 6.27
N GLU A 67 -13.46 3.44 6.91
CA GLU A 67 -12.96 2.08 7.05
C GLU A 67 -13.86 1.27 7.98
N ILE A 68 -14.12 0.02 7.62
CA ILE A 68 -14.96 -0.86 8.40
C ILE A 68 -14.28 -2.21 8.56
N ASP A 69 -14.75 -3.02 9.50
CA ASP A 69 -14.13 -4.33 9.70
C ASP A 69 -15.14 -5.46 9.54
N CYS A 70 -15.33 -5.87 8.30
CA CYS A 70 -16.25 -6.96 8.00
C CYS A 70 -15.55 -8.30 8.24
N THR A 71 -16.30 -9.40 8.16
CA THR A 71 -15.73 -10.71 8.46
C THR A 71 -15.30 -11.41 7.17
N MET A 72 -14.48 -12.45 7.32
CA MET A 72 -13.94 -13.14 6.17
C MET A 72 -14.80 -14.32 5.72
N LEU A 73 -15.58 -14.86 6.65
CA LEU A 73 -16.56 -15.87 6.31
C LEU A 73 -17.76 -15.21 5.63
N THR A 74 -18.29 -15.86 4.61
CA THR A 74 -19.38 -15.31 3.82
C THR A 74 -20.29 -16.44 3.33
N PRO A 75 -21.57 -16.41 3.75
CA PRO A 75 -22.49 -17.51 3.42
C PRO A 75 -22.80 -17.62 1.93
N GLU A 76 -22.97 -18.86 1.46
CA GLU A 76 -23.29 -19.19 0.07
C GLU A 76 -24.33 -18.28 -0.64
N PRO A 77 -25.44 -17.92 0.05
CA PRO A 77 -26.40 -17.00 -0.58
C PRO A 77 -25.78 -15.69 -1.05
N VAL A 78 -24.95 -15.07 -0.20
CA VAL A 78 -24.28 -13.81 -0.55
C VAL A 78 -23.50 -13.91 -1.86
N LEU A 79 -22.68 -14.96 -1.97
CA LEU A 79 -21.81 -15.11 -3.13
C LEU A 79 -22.55 -15.68 -4.34
N LYS A 80 -23.74 -16.21 -4.11
CA LYS A 80 -24.64 -16.57 -5.19
C LYS A 80 -25.14 -15.27 -5.81
N THR A 81 -25.66 -14.39 -4.96
CA THR A 81 -26.11 -13.07 -5.39
C THR A 81 -25.03 -12.29 -6.12
N SER A 82 -23.84 -12.22 -5.53
CA SER A 82 -22.73 -11.51 -6.13
C SER A 82 -22.35 -12.16 -7.45
N GLY A 83 -22.54 -13.47 -7.53
CA GLY A 83 -22.23 -14.20 -8.70
C GLY A 83 -20.87 -14.75 -8.77
N HIS A 84 -20.30 -15.06 -7.60
CA HIS A 84 -19.03 -15.75 -7.53
C HIS A 84 -19.27 -17.25 -7.60
N VAL A 85 -20.27 -17.70 -6.84
CA VAL A 85 -20.69 -19.10 -6.82
C VAL A 85 -20.88 -19.64 -8.23
N ASP A 86 -21.51 -18.83 -9.08
CA ASP A 86 -21.78 -19.21 -10.46
C ASP A 86 -20.61 -18.86 -11.37
N LYS A 87 -19.74 -17.95 -10.93
CA LYS A 87 -18.64 -17.47 -11.75
C LYS A 87 -17.63 -18.56 -12.10
N PHE A 88 -17.76 -19.72 -11.45
CA PHE A 88 -16.83 -20.82 -11.66
C PHE A 88 -17.57 -22.12 -11.96
N SER A 167 -17.49 -29.57 -11.72
CA SER A 167 -17.45 -30.14 -10.38
C SER A 167 -17.14 -29.08 -9.31
N PHE A 168 -15.87 -28.68 -9.23
CA PHE A 168 -15.42 -27.82 -8.14
C PHE A 168 -15.10 -26.39 -8.57
N ASN A 169 -15.08 -25.47 -7.61
CA ASN A 169 -14.88 -24.05 -7.90
C ASN A 169 -13.78 -23.37 -7.06
N LEU A 170 -13.23 -22.29 -7.60
CA LEU A 170 -12.04 -21.63 -7.05
C LEU A 170 -12.27 -20.76 -5.80
N MET A 171 -13.13 -21.19 -4.90
CA MET A 171 -13.25 -20.53 -3.60
C MET A 171 -13.15 -21.54 -2.47
N PHE A 172 -12.56 -21.13 -1.35
CA PHE A 172 -12.47 -22.02 -0.20
C PHE A 172 -13.84 -22.21 0.43
N LYS A 173 -14.37 -23.41 0.30
CA LYS A 173 -15.71 -23.73 0.79
C LYS A 173 -15.63 -24.39 2.17
N THR A 174 -16.48 -23.93 3.08
CA THR A 174 -16.58 -24.53 4.41
C THR A 174 -18.02 -24.54 4.87
N PHE A 175 -18.25 -25.01 6.08
CA PHE A 175 -19.59 -25.07 6.63
C PHE A 175 -19.65 -24.33 7.95
N ILE A 176 -20.74 -23.60 8.16
CA ILE A 176 -20.89 -22.76 9.33
C ILE A 176 -21.89 -23.37 10.31
N GLY A 177 -21.42 -23.70 11.50
CA GLY A 177 -22.24 -24.35 12.47
C GLY A 177 -22.26 -25.82 12.41
N PRO A 178 -23.31 -26.44 12.97
CA PRO A 178 -23.52 -27.89 12.89
C PRO A 178 -23.57 -28.40 11.44
N GLY A 179 -22.47 -28.23 10.72
CA GLY A 179 -22.35 -28.64 9.36
C GLY A 179 -23.47 -28.34 8.45
N GLY A 180 -23.91 -29.35 7.72
CA GLY A 180 -25.12 -29.31 6.96
C GLY A 180 -25.59 -28.18 6.12
N ASN A 181 -26.66 -27.52 6.57
CA ASN A 181 -27.47 -26.67 5.70
C ASN A 181 -27.05 -25.21 5.53
N MET A 182 -25.98 -24.77 6.18
CA MET A 182 -25.48 -23.43 5.94
C MET A 182 -24.04 -23.46 5.42
N PRO A 183 -23.88 -23.67 4.10
CA PRO A 183 -22.57 -23.66 3.46
C PRO A 183 -22.04 -22.24 3.32
N GLY A 184 -20.73 -22.12 3.10
CA GLY A 184 -20.10 -20.85 2.99
C GLY A 184 -18.77 -20.84 2.38
N TYR A 185 -18.20 -19.66 2.25
CA TYR A 185 -16.89 -19.51 1.66
C TYR A 185 -16.05 -18.48 2.40
N LEU A 186 -14.74 -18.58 2.20
CA LEU A 186 -13.82 -17.55 2.64
C LEU A 186 -13.86 -16.51 1.54
N ARG A 187 -14.06 -15.25 1.90
CA ARG A 187 -14.30 -14.19 0.92
C ARG A 187 -13.19 -14.10 -0.12
N PRO A 188 -13.56 -13.84 -1.39
CA PRO A 188 -12.59 -13.71 -2.47
C PRO A 188 -12.15 -12.26 -2.66
N GLU A 189 -12.71 -11.38 -1.83
CA GLU A 189 -12.41 -9.94 -1.86
C GLU A 189 -13.10 -9.29 -0.66
N THR A 190 -12.57 -8.16 -0.22
CA THR A 190 -13.10 -7.45 0.95
C THR A 190 -14.25 -6.52 0.58
N ALA A 191 -14.40 -6.27 -0.71
CA ALA A 191 -15.34 -5.28 -1.25
C ALA A 191 -16.80 -5.48 -0.81
N GLN A 192 -17.28 -6.73 -0.92
CA GLN A 192 -18.68 -7.06 -0.69
C GLN A 192 -19.23 -6.62 0.67
N GLY A 193 -18.38 -6.65 1.69
CA GLY A 193 -18.77 -6.15 2.98
C GLY A 193 -19.23 -4.74 3.02
N ILE A 194 -18.57 -3.91 2.21
CA ILE A 194 -18.90 -2.50 2.09
C ILE A 194 -20.22 -2.31 1.34
N PHE A 195 -20.60 -3.32 0.57
CA PHE A 195 -21.84 -3.27 -0.21
C PHE A 195 -23.05 -3.70 0.60
N LEU A 196 -22.88 -4.72 1.45
CA LEU A 196 -23.98 -5.21 2.28
C LEU A 196 -24.15 -4.37 3.55
N ASN A 197 -23.46 -3.25 3.60
CA ASN A 197 -23.57 -2.33 4.72
C ASN A 197 -23.81 -0.91 4.23
N PHE A 198 -23.97 -0.78 2.91
CA PHE A 198 -24.18 0.52 2.27
C PHE A 198 -25.18 1.43 2.97
N LYS A 199 -26.30 0.86 3.41
CA LYS A 199 -27.35 1.62 4.07
C LYS A 199 -26.86 2.33 5.35
N ARG A 200 -26.25 1.58 6.25
CA ARG A 200 -25.70 2.15 7.49
C ARG A 200 -24.53 3.12 7.23
N LEU A 201 -23.78 2.88 6.17
CA LEU A 201 -22.65 3.75 5.83
C LEU A 201 -23.15 5.08 5.28
N LEU A 202 -24.16 5.02 4.43
CA LEU A 202 -24.78 6.22 3.89
C LEU A 202 -25.44 6.99 5.03
N GLU A 203 -26.17 6.25 5.85
CA GLU A 203 -26.76 6.76 7.08
C GLU A 203 -25.76 7.54 7.92
N PHE A 204 -24.57 6.98 8.08
CA PHE A 204 -23.51 7.62 8.85
C PHE A 204 -23.10 8.93 8.19
N ASN A 205 -23.05 8.91 6.86
CA ASN A 205 -22.75 10.09 6.07
C ASN A 205 -23.96 11.00 5.92
N GLN A 206 -24.90 10.88 6.87
CA GLN A 206 -26.10 11.70 6.91
C GLN A 206 -26.91 11.60 5.61
N GLY A 207 -26.89 10.42 5.00
CA GLY A 207 -27.56 10.20 3.76
C GLY A 207 -27.05 10.95 2.58
N LYS A 208 -26.03 11.77 2.83
CA LYS A 208 -25.48 12.63 1.79
C LYS A 208 -24.54 11.86 0.86
N LEU A 209 -24.36 12.42 -0.33
CA LEU A 209 -23.40 11.92 -1.32
C LEU A 209 -22.47 13.07 -1.70
N PRO A 210 -21.26 12.75 -2.20
CA PRO A 210 -20.68 11.43 -2.44
C PRO A 210 -19.72 11.01 -1.32
N PHE A 211 -19.80 9.76 -0.89
CA PHE A 211 -18.92 9.31 0.18
C PHE A 211 -18.10 8.09 -0.21
N ALA A 212 -17.07 7.78 0.57
CA ALA A 212 -16.23 6.63 0.31
C ALA A 212 -16.11 5.79 1.57
N ALA A 213 -16.10 4.47 1.42
CA ALA A 213 -15.82 3.58 2.53
C ALA A 213 -14.76 2.58 2.11
N ALA A 214 -13.81 2.28 2.98
CA ALA A 214 -12.77 1.32 2.62
C ALA A 214 -12.76 0.07 3.48
N GLN A 215 -11.92 -0.89 3.10
CA GLN A 215 -11.66 -2.04 3.93
C GLN A 215 -10.32 -2.70 3.60
N ILE A 216 -9.46 -2.76 4.61
CA ILE A 216 -8.20 -3.48 4.49
C ILE A 216 -8.37 -4.83 5.15
N GLY A 217 -8.02 -5.88 4.43
CA GLY A 217 -8.12 -7.20 4.94
C GLY A 217 -7.82 -8.27 3.99
N ASN A 218 -7.62 -9.48 4.52
CA ASN A 218 -7.24 -10.63 3.70
C ASN A 218 -8.37 -11.18 2.83
N SER A 219 -7.97 -11.82 1.73
CA SER A 219 -8.90 -12.46 0.81
C SER A 219 -8.27 -13.74 0.29
N PHE A 220 -9.12 -14.66 -0.16
CA PHE A 220 -8.70 -16.03 -0.43
C PHE A 220 -9.19 -16.52 -1.79
N ARG A 221 -8.26 -16.84 -2.68
CA ARG A 221 -8.59 -17.54 -3.91
C ARG A 221 -8.00 -18.94 -3.84
N ASN A 222 -8.77 -19.95 -4.20
CA ASN A 222 -8.26 -21.32 -4.21
C ASN A 222 -7.71 -21.65 -5.60
N GLU A 223 -6.64 -20.95 -5.97
CA GLU A 223 -6.03 -21.07 -7.31
C GLU A 223 -5.54 -22.48 -7.59
N ILE A 224 -5.85 -23.00 -8.77
CA ILE A 224 -5.38 -24.32 -9.19
C ILE A 224 -3.86 -24.36 -9.20
N SER A 225 -3.27 -23.38 -9.86
CA SER A 225 -1.81 -23.29 -9.95
C SER A 225 -1.28 -21.96 -9.42
N PRO A 226 -1.03 -21.87 -8.11
CA PRO A 226 -0.37 -20.68 -7.57
C PRO A 226 1.11 -20.70 -7.93
N ARG A 227 1.71 -19.53 -8.11
CA ARG A 227 3.07 -19.47 -8.64
C ARG A 227 3.69 -18.09 -8.47
N SER A 228 4.99 -18.00 -8.75
CA SER A 228 5.71 -16.72 -8.78
C SER A 228 5.74 -16.02 -7.43
N GLY A 229 6.03 -16.77 -6.38
CA GLY A 229 6.02 -16.21 -5.05
C GLY A 229 4.78 -15.52 -4.63
N LEU A 230 4.85 -14.21 -4.49
CA LEU A 230 3.70 -13.41 -4.04
C LEU A 230 2.79 -12.98 -5.19
N ILE A 231 3.26 -13.08 -6.43
CA ILE A 231 2.52 -12.58 -7.58
C ILE A 231 1.11 -13.19 -7.70
N ARG A 232 1.03 -14.50 -7.50
CA ARG A 232 -0.27 -15.17 -7.45
C ARG A 232 -0.33 -16.17 -6.29
N VAL A 233 -0.98 -15.77 -5.20
CA VAL A 233 -1.09 -16.62 -4.02
C VAL A 233 -2.52 -17.12 -3.76
N ARG A 234 -2.72 -17.75 -2.60
CA ARG A 234 -4.04 -18.27 -2.20
C ARG A 234 -4.66 -17.49 -1.04
N GLU A 235 -3.84 -16.73 -0.33
CA GLU A 235 -4.33 -15.83 0.70
C GLU A 235 -3.48 -14.60 0.66
N PHE A 236 -4.10 -13.44 0.47
CA PHE A 236 -3.33 -12.21 0.38
C PHE A 236 -4.06 -11.10 1.12
N THR A 237 -3.45 -9.93 1.24
CA THR A 237 -4.11 -8.79 1.87
C THR A 237 -4.55 -7.78 0.81
N MET A 238 -5.84 -7.54 0.71
CA MET A 238 -6.35 -6.48 -0.17
C MET A 238 -6.61 -5.22 0.65
N ALA A 239 -6.58 -4.08 -0.01
CA ALA A 239 -7.06 -2.83 0.58
C ALA A 239 -7.96 -2.18 -0.44
N GLU A 240 -9.27 -2.26 -0.21
CA GLU A 240 -10.21 -1.77 -1.21
C GLU A 240 -10.89 -0.50 -0.79
N ILE A 241 -11.19 0.35 -1.76
CA ILE A 241 -11.99 1.53 -1.48
C ILE A 241 -13.19 1.56 -2.41
N GLU A 242 -14.38 1.64 -1.82
CA GLU A 242 -15.58 1.87 -2.61
C GLU A 242 -15.97 3.34 -2.53
N HIS A 243 -15.94 4.00 -3.68
CA HIS A 243 -16.33 5.41 -3.75
C HIS A 243 -17.71 5.52 -4.37
N PHE A 244 -18.71 5.79 -3.54
CA PHE A 244 -20.08 5.96 -4.00
C PHE A 244 -20.37 7.44 -4.32
N VAL A 245 -20.68 7.70 -5.58
CA VAL A 245 -20.94 9.05 -6.06
C VAL A 245 -22.14 9.09 -7.01
N ASP A 246 -22.98 10.09 -6.81
CA ASP A 246 -24.08 10.41 -7.74
C ASP A 246 -23.53 10.44 -9.16
N PRO A 247 -24.12 9.63 -10.06
CA PRO A 247 -23.69 9.54 -11.46
C PRO A 247 -23.65 10.90 -12.13
N SER A 248 -24.59 11.77 -11.78
CA SER A 248 -24.65 13.10 -12.34
C SER A 248 -23.45 13.95 -11.91
N GLU A 249 -23.22 14.04 -10.60
CA GLU A 249 -22.16 14.89 -10.05
C GLU A 249 -20.80 14.20 -10.02
N LYS A 250 -20.34 13.76 -11.20
CA LYS A 250 -19.03 13.15 -11.31
C LYS A 250 -17.98 14.20 -11.69
N ASP A 251 -17.46 14.87 -10.67
CA ASP A 251 -16.48 15.93 -10.83
C ASP A 251 -15.82 16.08 -9.47
N HIS A 252 -14.53 16.39 -9.45
CA HIS A 252 -13.80 16.38 -8.17
C HIS A 252 -13.14 17.71 -7.80
N PRO A 253 -13.53 18.26 -6.65
CA PRO A 253 -13.02 19.54 -6.12
C PRO A 253 -11.51 19.58 -6.00
N LYS A 254 -10.88 18.47 -5.65
CA LYS A 254 -9.44 18.44 -5.41
C LYS A 254 -8.63 17.96 -6.61
N PHE A 255 -9.28 17.79 -7.76
CA PHE A 255 -8.57 17.31 -8.95
C PHE A 255 -7.39 18.20 -9.33
N GLN A 256 -7.47 19.48 -8.98
CA GLN A 256 -6.41 20.42 -9.32
C GLN A 256 -5.12 20.14 -8.56
N ASN A 257 -5.20 19.27 -7.55
CA ASN A 257 -4.05 18.87 -6.76
C ASN A 257 -3.24 17.75 -7.43
N VAL A 258 -3.84 17.10 -8.42
CA VAL A 258 -3.18 16.01 -9.15
C VAL A 258 -3.12 16.28 -10.65
N ALA A 259 -3.91 17.26 -11.10
CA ALA A 259 -4.04 17.61 -12.51
C ALA A 259 -2.70 17.83 -13.21
N ASP A 260 -1.73 18.35 -12.46
CA ASP A 260 -0.42 18.68 -13.03
C ASP A 260 0.62 17.60 -12.78
N LEU A 261 0.18 16.34 -12.74
CA LEU A 261 1.11 15.23 -12.60
C LEU A 261 1.44 14.62 -13.96
N HIS A 262 2.66 14.11 -14.11
CA HIS A 262 3.07 13.47 -15.36
C HIS A 262 3.12 11.95 -15.19
N LEU A 263 2.13 11.27 -15.77
CA LEU A 263 1.95 9.84 -15.58
C LEU A 263 2.12 9.07 -16.88
N TYR A 264 2.33 7.76 -16.77
CA TYR A 264 2.35 6.90 -17.95
C TYR A 264 1.00 6.23 -18.14
N LEU A 265 0.36 6.53 -19.25
CA LEU A 265 -0.99 6.05 -19.49
C LEU A 265 -1.05 5.10 -20.68
N TYR A 266 -1.57 3.91 -20.47
CA TYR A 266 -1.67 2.91 -21.53
C TYR A 266 -3.12 2.75 -21.97
N SER A 267 -3.63 3.76 -22.68
CA SER A 267 -5.03 3.80 -23.09
C SER A 267 -5.41 2.67 -24.05
N ALA A 268 -6.71 2.47 -24.24
CA ALA A 268 -7.23 1.37 -25.04
C ALA A 268 -6.80 1.44 -26.51
N LYS A 269 -6.96 2.63 -27.10
CA LYS A 269 -6.55 2.85 -28.49
C LYS A 269 -5.09 2.43 -28.70
N ALA A 270 -4.19 3.07 -27.95
CA ALA A 270 -2.77 2.71 -27.94
C ALA A 270 -2.52 1.20 -27.79
N GLN A 271 -3.42 0.50 -27.10
CA GLN A 271 -3.30 -0.95 -26.96
C GLN A 271 -3.65 -1.65 -28.28
N VAL A 272 -4.85 -1.41 -28.80
CA VAL A 272 -5.26 -2.03 -30.06
C VAL A 272 -4.53 -1.46 -31.28
N SER A 273 -4.01 -0.23 -31.15
CA SER A 273 -3.30 0.42 -32.24
C SER A 273 -1.82 0.11 -32.20
N GLY A 274 -1.45 -0.89 -31.41
CA GLY A 274 -0.10 -1.36 -31.35
C GLY A 274 0.95 -0.50 -30.78
N GLN A 275 0.55 0.51 -30.04
CA GLN A 275 1.51 1.46 -29.48
C GLN A 275 1.79 1.17 -28.02
N SER A 276 2.84 1.81 -27.50
CA SER A 276 3.18 1.70 -26.09
C SER A 276 2.46 2.79 -25.29
N ALA A 277 2.66 2.78 -23.98
CA ALA A 277 2.06 3.79 -23.12
C ALA A 277 2.68 5.16 -23.35
N ARG A 278 1.99 6.19 -22.90
CA ARG A 278 2.37 7.57 -23.16
C ARG A 278 2.44 8.37 -21.87
N LYS A 279 3.38 9.30 -21.78
CA LYS A 279 3.53 10.13 -20.59
C LYS A 279 2.76 11.45 -20.72
N MET A 280 1.56 11.49 -20.14
CA MET A 280 0.69 12.65 -20.22
C MET A 280 0.64 13.43 -18.91
N ARG A 281 0.38 14.73 -19.00
CA ARG A 281 -0.03 15.49 -17.83
C ARG A 281 -1.46 15.04 -17.57
N LEU A 282 -1.79 14.76 -16.32
CA LEU A 282 -3.06 14.15 -15.95
C LEU A 282 -4.26 14.94 -16.45
N GLY A 283 -4.29 16.22 -16.08
CA GLY A 283 -5.31 17.10 -16.50
C GLY A 283 -5.63 17.07 -17.93
N ASP A 284 -4.60 17.16 -18.77
CA ASP A 284 -4.74 17.04 -20.21
C ASP A 284 -5.44 15.75 -20.61
N ALA A 285 -4.98 14.64 -20.05
CA ALA A 285 -5.60 13.34 -20.33
C ALA A 285 -7.08 13.34 -19.99
N VAL A 286 -7.49 14.16 -19.03
CA VAL A 286 -8.91 14.30 -18.73
C VAL A 286 -9.64 15.24 -19.71
N GLU A 287 -9.03 16.38 -20.01
CA GLU A 287 -9.57 17.31 -20.99
C GLU A 287 -9.09 16.98 -22.40
N GLN A 288 -9.08 15.68 -22.70
CA GLN A 288 -8.90 15.17 -24.05
C GLN A 288 -9.77 13.93 -24.14
N GLY A 289 -10.58 13.74 -23.10
CA GLY A 289 -11.43 12.60 -23.00
C GLY A 289 -10.83 11.27 -22.87
N VAL A 290 -9.50 11.19 -22.77
CA VAL A 290 -8.81 9.92 -22.58
C VAL A 290 -9.34 9.26 -21.32
N ILE A 291 -9.38 10.04 -20.23
CA ILE A 291 -9.99 9.60 -18.99
C ILE A 291 -11.28 10.35 -18.76
N ASN A 292 -12.38 9.60 -18.73
CA ASN A 292 -13.74 10.13 -18.60
C ASN A 292 -13.92 11.41 -17.78
N ASN A 293 -13.56 11.34 -16.49
CA ASN A 293 -13.84 12.45 -15.59
C ASN A 293 -12.75 12.73 -14.57
N THR A 294 -12.95 13.78 -13.77
CA THR A 294 -11.92 14.25 -12.85
C THR A 294 -11.97 13.51 -11.53
N VAL A 295 -12.99 12.70 -11.32
CA VAL A 295 -13.05 11.83 -10.15
C VAL A 295 -12.09 10.67 -10.37
N LEU A 296 -12.36 9.93 -11.45
CA LEU A 296 -11.49 8.86 -11.93
C LEU A 296 -10.06 9.37 -11.97
N GLY A 297 -9.87 10.52 -12.61
CA GLY A 297 -8.61 11.18 -12.64
C GLY A 297 -7.97 11.42 -11.34
N TYR A 298 -8.70 12.05 -10.42
CA TYR A 298 -8.19 12.32 -9.08
C TYR A 298 -7.65 11.05 -8.42
N PHE A 299 -8.50 10.02 -8.38
CA PHE A 299 -8.10 8.76 -7.78
C PHE A 299 -6.87 8.14 -8.43
N ILE A 300 -6.78 8.26 -9.75
CA ILE A 300 -5.58 7.80 -10.45
C ILE A 300 -4.33 8.54 -9.99
N GLY A 301 -4.42 9.86 -9.95
CA GLY A 301 -3.36 10.69 -9.45
C GLY A 301 -2.85 10.36 -8.10
N ARG A 302 -3.75 10.17 -7.12
CA ARG A 302 -3.31 9.86 -5.76
C ARG A 302 -2.86 8.41 -5.60
N ILE A 303 -3.44 7.50 -6.39
CA ILE A 303 -2.95 6.12 -6.48
C ILE A 303 -1.48 6.15 -6.89
N TYR A 304 -1.21 6.88 -7.96
CA TYR A 304 0.13 7.09 -8.46
C TYR A 304 1.04 7.63 -7.35
N LEU A 305 0.65 8.76 -6.79
CA LEU A 305 1.40 9.39 -5.69
C LEU A 305 1.72 8.42 -4.56
N TYR A 306 0.79 7.51 -4.27
CA TYR A 306 0.97 6.54 -3.20
C TYR A 306 1.98 5.46 -3.56
N LEU A 307 1.82 4.90 -4.75
CA LEU A 307 2.75 3.90 -5.26
C LEU A 307 4.17 4.43 -5.29
N THR A 308 4.34 5.69 -5.69
CA THR A 308 5.68 6.28 -5.72
C THR A 308 6.15 6.69 -4.32
N LYS A 309 5.21 6.95 -3.42
CA LYS A 309 5.54 7.29 -2.05
C LYS A 309 6.25 6.12 -1.38
N VAL A 310 5.66 4.94 -1.48
CA VAL A 310 6.24 3.74 -0.90
C VAL A 310 7.43 3.23 -1.71
N GLY A 311 7.66 3.83 -2.88
CA GLY A 311 8.85 3.54 -3.63
C GLY A 311 8.86 2.69 -4.83
N ILE A 312 7.70 2.49 -5.43
CA ILE A 312 7.65 1.89 -6.75
C ILE A 312 8.18 2.93 -7.72
N SER A 313 9.21 2.54 -8.49
CA SER A 313 9.80 3.42 -9.51
C SER A 313 8.71 4.00 -10.41
N PRO A 314 8.79 5.31 -10.66
CA PRO A 314 7.82 5.98 -11.54
C PRO A 314 7.94 5.43 -12.96
N ASP A 315 9.15 5.04 -13.34
CA ASP A 315 9.45 4.59 -14.69
C ASP A 315 8.92 3.19 -15.00
N LYS A 316 8.81 2.37 -13.97
CA LYS A 316 8.26 1.03 -14.10
C LYS A 316 6.85 1.01 -13.51
N LEU A 317 6.05 2.01 -13.87
CA LEU A 317 4.69 2.13 -13.38
C LEU A 317 3.82 2.84 -14.41
N ARG A 318 2.83 2.13 -14.93
CA ARG A 318 1.87 2.77 -15.82
C ARG A 318 0.46 2.42 -15.43
N PHE A 319 -0.51 3.23 -15.85
CA PHE A 319 -1.91 2.87 -15.66
C PHE A 319 -2.44 2.40 -17.00
N ARG A 320 -3.00 1.19 -17.02
CA ARG A 320 -3.47 0.59 -18.25
C ARG A 320 -4.99 0.53 -18.23
N GLN A 321 -5.60 1.32 -19.11
CA GLN A 321 -7.05 1.33 -19.25
C GLN A 321 -7.49 -0.04 -19.71
N HIS A 322 -8.69 -0.45 -19.31
CA HIS A 322 -9.22 -1.71 -19.79
C HIS A 322 -9.84 -1.54 -21.17
N MET A 323 -9.56 -2.50 -22.04
CA MET A 323 -9.99 -2.46 -23.44
C MET A 323 -11.49 -2.66 -23.58
N GLU A 324 -11.86 -3.49 -24.56
CA GLU A 324 -13.18 -4.07 -24.63
C GLU A 324 -13.11 -5.40 -23.90
N ASN A 325 -12.33 -5.41 -22.82
CA ASN A 325 -12.07 -6.62 -22.06
C ASN A 325 -12.86 -6.69 -20.77
N ALA A 331 -14.43 -3.74 -19.52
CA ALA A 331 -14.93 -3.29 -18.22
C ALA A 331 -15.82 -2.06 -18.37
N CYS A 332 -16.52 -1.71 -17.30
CA CYS A 332 -17.40 -0.55 -17.32
C CYS A 332 -16.58 0.73 -17.46
N ASP A 333 -15.35 0.67 -16.95
CA ASP A 333 -14.27 1.63 -17.24
C ASP A 333 -13.10 1.47 -16.29
N CYS A 334 -12.45 0.31 -16.33
CA CYS A 334 -11.31 0.07 -15.46
C CYS A 334 -10.04 0.76 -15.98
N TRP A 335 -9.15 1.07 -15.05
CA TRP A 335 -7.86 1.69 -15.34
C TRP A 335 -6.92 1.14 -14.28
N ASP A 336 -6.17 0.08 -14.56
CA ASP A 336 -5.37 -0.44 -13.45
C ASP A 336 -3.87 -0.23 -13.50
N ALA A 337 -3.33 0.14 -12.35
CA ALA A 337 -1.92 0.45 -12.19
C ALA A 337 -1.10 -0.82 -12.19
N GLU A 338 -0.19 -0.91 -13.13
CA GLU A 338 0.73 -2.03 -13.19
C GLU A 338 2.18 -1.60 -13.16
N SER A 339 3.00 -2.53 -12.71
CA SER A 339 4.43 -2.25 -12.54
C SER A 339 5.27 -3.23 -13.34
N LYS A 340 6.44 -2.78 -13.76
CA LYS A 340 7.36 -3.61 -14.53
C LYS A 340 8.23 -4.43 -13.58
N THR A 341 7.89 -5.70 -13.42
CA THR A 341 8.72 -6.59 -12.62
C THR A 341 9.45 -7.57 -13.52
N SER A 342 10.26 -8.43 -12.93
CA SER A 342 10.98 -9.44 -13.70
C SER A 342 10.02 -10.50 -14.23
N TYR A 343 8.85 -10.58 -13.61
CA TYR A 343 7.77 -11.45 -14.06
C TYR A 343 6.89 -10.70 -15.06
N GLY A 344 7.40 -9.59 -15.58
CA GLY A 344 6.67 -8.79 -16.51
C GLY A 344 5.83 -7.72 -15.95
N TRP A 345 4.98 -7.12 -16.76
CA TRP A 345 3.99 -6.15 -16.28
C TRP A 345 2.96 -6.84 -15.39
N ILE A 346 2.89 -6.42 -14.13
CA ILE A 346 1.90 -6.99 -13.21
C ILE A 346 0.96 -5.97 -12.57
N GLU A 347 -0.31 -6.35 -12.65
CA GLU A 347 -1.41 -5.70 -11.96
C GLU A 347 -1.10 -5.53 -10.48
N ILE A 348 -1.05 -4.30 -9.99
CA ILE A 348 -0.94 -4.10 -8.55
C ILE A 348 -2.19 -3.45 -7.92
N VAL A 349 -2.79 -2.50 -8.63
CA VAL A 349 -3.97 -1.82 -8.12
C VAL A 349 -5.05 -1.69 -9.18
N GLY A 350 -6.21 -2.30 -8.94
CA GLY A 350 -7.30 -2.27 -9.86
C GLY A 350 -8.36 -1.28 -9.62
N CYS A 351 -8.26 -0.12 -10.24
CA CYS A 351 -9.24 0.95 -10.09
C CYS A 351 -10.38 0.77 -11.10
N ALA A 352 -11.55 0.37 -10.60
CA ALA A 352 -12.65 -0.06 -11.48
C ALA A 352 -13.96 0.67 -11.22
N ASP A 353 -14.31 1.58 -12.13
CA ASP A 353 -15.58 2.28 -12.04
C ASP A 353 -16.74 1.42 -12.52
N ARG A 354 -17.38 0.72 -11.60
CA ARG A 354 -18.62 0.05 -11.94
C ARG A 354 -19.76 1.02 -11.70
N SER A 355 -20.76 0.99 -12.57
CA SER A 355 -21.95 1.82 -12.40
C SER A 355 -22.91 1.10 -11.46
N CYS A 356 -24.19 1.08 -11.84
CA CYS A 356 -25.20 0.36 -11.08
C CYS A 356 -24.97 -1.14 -11.17
N TYR A 357 -24.13 -1.66 -10.30
CA TYR A 357 -23.73 -3.08 -10.38
C TYR A 357 -24.06 -3.90 -9.14
N ASP A 358 -23.05 -4.15 -8.30
CA ASP A 358 -23.17 -5.01 -7.13
C ASP A 358 -24.35 -4.68 -6.20
N LEU A 359 -24.40 -3.42 -5.79
CA LEU A 359 -25.48 -2.91 -4.94
C LEU A 359 -26.84 -3.40 -5.41
N SER A 360 -27.10 -3.22 -6.70
CA SER A 360 -28.40 -3.51 -7.29
C SER A 360 -28.74 -4.99 -7.26
N CYS A 361 -27.80 -5.83 -7.70
CA CYS A 361 -27.97 -7.27 -7.65
C CYS A 361 -28.30 -7.69 -6.22
N HIS A 362 -27.58 -7.13 -5.25
CA HIS A 362 -27.86 -7.42 -3.85
C HIS A 362 -29.25 -7.01 -3.44
N ALA A 363 -29.66 -5.81 -3.86
CA ALA A 363 -30.97 -5.27 -3.53
C ALA A 363 -32.08 -6.16 -4.06
N ARG A 364 -32.01 -6.48 -5.34
CA ARG A 364 -33.01 -7.32 -5.98
C ARG A 364 -33.01 -8.72 -5.36
N ALA A 365 -31.85 -9.16 -4.88
CA ALA A 365 -31.78 -10.44 -4.18
C ALA A 365 -32.55 -10.38 -2.87
N THR A 366 -32.06 -9.58 -1.94
CA THR A 366 -32.64 -9.49 -0.59
C THR A 366 -33.97 -8.76 -0.54
N LYS A 367 -34.29 -8.03 -1.60
CA LYS A 367 -35.49 -7.17 -1.68
C LYS A 367 -35.38 -5.89 -0.84
N VAL A 368 -34.25 -5.75 -0.14
CA VAL A 368 -33.95 -4.52 0.58
C VAL A 368 -33.34 -3.50 -0.38
N PRO A 369 -33.92 -2.30 -0.46
CA PRO A 369 -33.42 -1.29 -1.41
C PRO A 369 -32.14 -0.60 -0.94
N LEU A 370 -31.22 -0.41 -1.87
CA LEU A 370 -29.97 0.30 -1.61
C LEU A 370 -29.91 1.52 -2.52
N VAL A 371 -30.18 2.68 -1.95
CA VAL A 371 -30.26 3.92 -2.70
C VAL A 371 -29.95 5.12 -1.82
N ALA A 372 -29.47 6.19 -2.43
CA ALA A 372 -29.35 7.45 -1.73
C ALA A 372 -30.52 8.30 -2.18
N GLU A 373 -30.95 9.23 -1.34
CA GLU A 373 -31.93 10.20 -1.82
C GLU A 373 -31.30 11.58 -1.87
N LYS A 374 -31.59 12.28 -2.95
CA LYS A 374 -31.07 13.62 -3.15
C LYS A 374 -32.25 14.58 -3.19
N PRO A 375 -32.17 15.69 -2.44
CA PRO A 375 -33.32 16.59 -2.47
C PRO A 375 -33.44 17.25 -3.84
N LEU A 376 -34.66 17.55 -4.26
CA LEU A 376 -34.83 18.33 -5.48
C LEU A 376 -34.66 19.80 -5.13
N LYS A 377 -34.07 20.56 -6.05
CA LYS A 377 -33.87 21.98 -5.85
C LYS A 377 -35.04 22.72 -6.46
N GLU A 378 -35.88 21.95 -7.16
CA GLU A 378 -37.13 22.45 -7.72
C GLU A 378 -38.14 21.32 -7.76
N PRO A 379 -38.93 21.17 -6.69
CA PRO A 379 -39.92 20.08 -6.49
C PRO A 379 -40.76 19.79 -7.72
N LYS A 380 -41.16 18.53 -7.90
CA LYS A 380 -41.83 18.13 -9.13
C LYS A 380 -43.21 17.53 -8.91
N THR A 381 -44.23 18.36 -9.06
CA THR A 381 -45.61 17.91 -8.98
C THR A 381 -45.92 17.02 -10.18
N VAL A 382 -46.29 15.76 -9.91
CA VAL A 382 -46.61 14.83 -10.99
C VAL A 382 -48.09 14.45 -10.99
N ASN A 383 -48.84 15.09 -11.88
CA ASN A 383 -50.27 14.83 -12.01
C ASN A 383 -50.57 13.43 -12.53
N VAL A 384 -50.73 12.48 -11.61
CA VAL A 384 -51.07 11.11 -11.99
C VAL A 384 -52.53 10.80 -11.68
N VAL A 385 -53.10 9.90 -12.48
CA VAL A 385 -54.49 9.50 -12.31
C VAL A 385 -54.76 8.19 -13.03
N PHE A 451 -54.33 11.88 -8.46
CA PHE A 451 -54.18 13.30 -8.20
C PHE A 451 -52.74 13.76 -8.40
N GLN A 452 -52.44 14.98 -7.95
CA GLN A 452 -51.10 15.52 -8.05
C GLN A 452 -50.19 14.88 -7.01
N LYS A 453 -49.08 14.31 -7.47
CA LYS A 453 -48.12 13.67 -6.57
C LYS A 453 -46.78 14.39 -6.64
N THR A 454 -46.55 15.28 -5.68
CA THR A 454 -45.34 16.11 -5.66
C THR A 454 -44.12 15.35 -5.15
N LEU A 455 -43.02 15.46 -5.89
CA LEU A 455 -41.77 14.82 -5.53
C LEU A 455 -40.78 15.84 -4.98
N TYR A 456 -40.10 15.47 -3.90
CA TYR A 456 -39.17 16.38 -3.22
C TYR A 456 -37.77 15.81 -3.28
N VAL A 457 -37.69 14.49 -3.45
CA VAL A 457 -36.42 13.79 -3.48
C VAL A 457 -36.32 12.85 -4.67
N GLU A 458 -35.24 12.99 -5.43
CA GLU A 458 -34.94 11.99 -6.46
C GLU A 458 -34.15 10.84 -5.86
N GLU A 459 -34.51 9.63 -6.27
CA GLU A 459 -33.96 8.40 -5.73
C GLU A 459 -32.74 7.98 -6.54
N VAL A 460 -31.57 8.40 -6.08
CA VAL A 460 -30.31 8.18 -6.78
C VAL A 460 -29.68 6.81 -6.50
N VAL A 461 -29.24 6.15 -7.56
CA VAL A 461 -28.39 4.97 -7.45
C VAL A 461 -26.97 5.40 -7.82
N PRO A 462 -26.08 5.48 -6.81
CA PRO A 462 -24.71 5.97 -6.96
C PRO A 462 -23.83 5.11 -7.86
N ASN A 463 -22.89 5.75 -8.55
CA ASN A 463 -21.84 5.06 -9.26
C ASN A 463 -20.76 4.69 -8.26
N VAL A 464 -19.93 3.70 -8.58
CA VAL A 464 -18.90 3.29 -7.64
C VAL A 464 -17.52 3.09 -8.24
N ILE A 465 -16.56 3.85 -7.74
CA ILE A 465 -15.16 3.66 -8.13
C ILE A 465 -14.54 2.66 -7.17
N GLU A 466 -14.00 1.58 -7.71
CA GLU A 466 -13.45 0.51 -6.88
C GLU A 466 -11.96 0.28 -7.11
N PRO A 467 -11.11 1.08 -6.46
CA PRO A 467 -9.68 0.75 -6.40
C PRO A 467 -9.40 -0.42 -5.44
N SER A 468 -8.84 -1.50 -6.00
CA SER A 468 -8.41 -2.66 -5.21
C SER A 468 -6.90 -2.76 -5.13
N PHE A 469 -6.36 -2.53 -3.93
CA PHE A 469 -4.92 -2.53 -3.72
C PHE A 469 -4.41 -3.91 -3.32
N GLY A 470 -3.52 -4.47 -4.14
CA GLY A 470 -2.91 -5.72 -3.84
C GLY A 470 -1.66 -5.62 -3.05
N LEU A 471 -1.79 -5.66 -1.73
CA LEU A 471 -0.68 -5.41 -0.82
C LEU A 471 0.52 -6.30 -1.10
N GLY A 472 0.24 -7.58 -1.36
CA GLY A 472 1.28 -8.49 -1.69
C GLY A 472 2.11 -8.13 -2.84
N ARG A 473 1.45 -7.92 -3.98
CA ARG A 473 2.15 -7.54 -5.20
C ARG A 473 2.84 -6.19 -5.10
N ILE A 474 2.22 -5.23 -4.41
CA ILE A 474 2.85 -3.93 -4.21
C ILE A 474 4.14 -4.09 -3.42
N MET A 475 4.07 -4.87 -2.34
CA MET A 475 5.24 -5.21 -1.52
C MET A 475 6.34 -5.81 -2.38
N TYR A 476 5.99 -6.82 -3.18
CA TYR A 476 6.99 -7.47 -4.04
C TYR A 476 7.63 -6.48 -5.01
N THR A 477 6.82 -5.58 -5.57
CA THR A 477 7.35 -4.61 -6.54
C THR A 477 8.25 -3.58 -5.86
N VAL A 478 7.94 -3.26 -4.61
CA VAL A 478 8.82 -2.42 -3.80
C VAL A 478 10.14 -3.14 -3.63
N PHE A 479 10.07 -4.46 -3.43
CA PHE A 479 11.28 -5.27 -3.39
C PHE A 479 12.11 -5.17 -4.68
N GLU A 480 11.55 -5.62 -5.80
CA GLU A 480 12.27 -5.66 -7.08
C GLU A 480 12.77 -4.29 -7.53
N HIS A 481 12.04 -3.24 -7.15
CA HIS A 481 12.39 -1.87 -7.53
C HIS A 481 13.47 -1.26 -6.63
N THR A 482 13.47 -1.64 -5.35
CA THR A 482 14.41 -1.05 -4.39
C THR A 482 15.57 -1.97 -4.02
N PHE A 483 15.79 -3.02 -4.79
CA PHE A 483 16.87 -3.95 -4.49
C PHE A 483 18.17 -3.62 -5.24
N HIS A 484 19.17 -3.16 -4.50
CA HIS A 484 20.46 -2.81 -5.11
C HIS A 484 21.61 -3.67 -4.58
N VAL A 485 22.73 -3.62 -5.28
CA VAL A 485 23.94 -4.33 -4.89
C VAL A 485 25.12 -3.37 -4.91
N ARG A 486 25.90 -3.35 -3.82
CA ARG A 486 26.94 -2.35 -3.62
C ARG A 486 28.12 -2.49 -4.57
N GLU A 487 28.76 -1.35 -4.85
CA GLU A 487 30.01 -1.32 -5.58
C GLU A 487 31.10 -2.06 -4.78
N GLY A 488 31.82 -2.93 -5.48
CA GLY A 488 32.86 -3.68 -4.84
C GLY A 488 32.47 -4.96 -4.22
N ASP A 489 32.19 -4.94 -2.92
CA ASP A 489 31.71 -6.12 -2.22
C ASP A 489 30.28 -6.42 -2.66
N GLU A 490 30.13 -7.26 -3.68
CA GLU A 490 28.81 -7.60 -4.21
C GLU A 490 28.07 -8.62 -3.35
N GLN A 491 28.63 -8.91 -2.17
CA GLN A 491 27.94 -9.71 -1.17
C GLN A 491 27.02 -8.79 -0.38
N ARG A 492 27.35 -7.50 -0.39
CA ARG A 492 26.56 -6.49 0.30
C ARG A 492 25.44 -5.97 -0.60
N THR A 493 24.26 -6.55 -0.45
CA THR A 493 23.10 -6.04 -1.16
C THR A 493 22.27 -5.22 -0.19
N PHE A 494 21.63 -4.16 -0.70
CA PHE A 494 20.77 -3.34 0.16
C PHE A 494 19.40 -3.08 -0.44
N PHE A 495 18.51 -2.52 0.38
CA PHE A 495 17.15 -2.22 -0.04
C PHE A 495 16.85 -0.74 0.12
N SER A 496 16.69 -0.05 -1.01
CA SER A 496 16.42 1.39 -1.00
C SER A 496 14.96 1.71 -0.64
N PHE A 497 14.44 1.05 0.39
CA PHE A 497 13.16 1.39 0.97
C PHE A 497 13.11 2.88 1.19
N PRO A 498 12.12 3.57 0.60
CA PRO A 498 11.88 4.98 0.91
C PRO A 498 11.76 5.15 2.43
N ALA A 499 12.38 6.21 2.94
CA ALA A 499 12.56 6.42 4.37
C ALA A 499 11.32 6.16 5.22
N VAL A 500 10.17 6.59 4.72
CA VAL A 500 8.94 6.58 5.50
C VAL A 500 8.36 5.17 5.72
N VAL A 501 8.69 4.24 4.84
CA VAL A 501 8.17 2.88 4.95
C VAL A 501 9.27 1.86 5.24
N ALA A 502 10.44 2.34 5.62
CA ALA A 502 11.53 1.46 6.03
C ALA A 502 11.06 0.56 7.17
N PRO A 503 11.57 -0.68 7.24
CA PRO A 503 11.13 -1.59 8.31
C PRO A 503 11.69 -1.11 9.64
N PHE A 504 12.94 -0.67 9.62
CA PHE A 504 13.56 -0.03 10.77
C PHE A 504 14.14 1.30 10.33
N LYS A 505 13.72 2.37 11.01
CA LYS A 505 14.13 3.72 10.66
C LYS A 505 15.58 4.04 11.05
N CYS A 506 16.13 3.29 12.01
CA CYS A 506 17.47 3.56 12.50
C CYS A 506 18.18 2.31 13.05
N SER A 507 19.50 2.41 13.19
CA SER A 507 20.28 1.34 13.78
C SER A 507 21.29 1.90 14.77
N VAL A 508 21.10 1.56 16.05
CA VAL A 508 22.09 1.89 17.07
C VAL A 508 23.27 0.93 16.94
N LEU A 509 24.43 1.50 16.65
CA LEU A 509 25.64 0.73 16.46
C LEU A 509 26.79 1.31 17.26
N PRO A 510 27.48 0.48 18.04
CA PRO A 510 28.75 0.91 18.61
C PRO A 510 29.84 0.72 17.56
N LEU A 511 31.06 1.12 17.88
CA LEU A 511 32.17 0.97 16.96
C LEU A 511 32.78 -0.42 17.08
N SER A 512 33.00 -0.84 18.32
CA SER A 512 33.58 -2.15 18.60
C SER A 512 33.09 -2.74 19.92
N GLN A 513 33.34 -4.03 20.09
CA GLN A 513 32.89 -4.81 21.26
C GLN A 513 33.43 -4.26 22.59
N ASN A 514 33.39 -2.95 22.76
CA ASN A 514 33.96 -2.31 23.94
C ASN A 514 32.90 -1.96 24.98
N GLN A 515 33.33 -1.90 26.24
CA GLN A 515 32.43 -1.72 27.37
C GLN A 515 31.96 -0.28 27.55
N GLU A 516 32.85 0.68 27.36
CA GLU A 516 32.50 2.10 27.54
C GLU A 516 31.62 2.62 26.40
N PHE A 517 30.97 1.72 25.69
CA PHE A 517 30.03 2.06 24.62
C PHE A 517 28.60 1.74 25.04
N MET A 518 28.46 0.84 26.01
CA MET A 518 27.16 0.40 26.52
C MET A 518 26.12 1.50 26.85
N PRO A 519 26.49 2.48 27.70
CA PRO A 519 25.45 3.37 28.24
C PRO A 519 24.82 4.24 27.17
N PHE A 520 25.59 4.56 26.14
CA PHE A 520 25.11 5.42 25.07
C PHE A 520 24.22 4.62 24.12
N VAL A 521 24.51 3.34 23.97
CA VAL A 521 23.69 2.43 23.18
C VAL A 521 22.34 2.24 23.85
N LYS A 522 22.38 1.98 25.16
CA LYS A 522 21.17 1.80 25.95
C LYS A 522 20.32 3.08 25.98
N GLU A 523 20.96 4.20 26.33
CA GLU A 523 20.28 5.48 26.42
C GLU A 523 19.73 5.93 25.07
N LEU A 524 20.46 5.63 24.00
CA LEU A 524 19.98 5.97 22.66
C LEU A 524 18.77 5.12 22.31
N SER A 525 18.86 3.83 22.57
CA SER A 525 17.75 2.90 22.33
C SER A 525 16.50 3.40 23.03
N GLU A 526 16.62 3.62 24.34
CA GLU A 526 15.52 4.10 25.16
C GLU A 526 14.98 5.44 24.69
N ALA A 527 15.88 6.31 24.21
CA ALA A 527 15.49 7.64 23.74
C ALA A 527 14.74 7.60 22.42
N LEU A 528 15.13 6.68 21.55
CA LEU A 528 14.44 6.45 20.28
C LEU A 528 13.07 5.87 20.57
N THR A 529 13.02 4.95 21.53
CA THR A 529 11.76 4.33 21.93
C THR A 529 10.79 5.37 22.51
N ARG A 530 11.32 6.25 23.35
CA ARG A 530 10.56 7.38 23.86
C ARG A 530 10.03 8.18 22.68
N HIS A 531 10.91 8.43 21.73
CA HIS A 531 10.58 9.18 20.52
C HIS A 531 9.85 8.31 19.50
N GLY A 532 9.57 7.07 19.87
CA GLY A 532 8.81 6.18 19.04
C GLY A 532 9.35 5.82 17.71
N VAL A 533 10.67 5.69 17.61
CA VAL A 533 11.31 5.36 16.35
C VAL A 533 11.78 3.91 16.32
N SER A 534 11.28 3.15 15.34
CA SER A 534 11.65 1.75 15.20
C SER A 534 13.13 1.63 14.86
N HIS A 535 13.87 0.92 15.72
CA HIS A 535 15.31 0.81 15.57
C HIS A 535 15.87 -0.57 15.85
N LYS A 536 17.01 -0.87 15.23
CA LYS A 536 17.74 -2.10 15.48
C LYS A 536 19.01 -1.80 16.25
N VAL A 537 19.12 -2.32 17.47
CA VAL A 537 20.37 -2.24 18.19
C VAL A 537 21.24 -3.43 17.79
N ASP A 538 22.38 -3.15 17.17
CA ASP A 538 23.27 -4.24 16.78
C ASP A 538 24.64 -4.10 17.42
N ASP A 539 25.00 -5.10 18.22
CA ASP A 539 26.22 -5.04 19.03
C ASP A 539 26.78 -6.44 19.21
N SER A 540 27.75 -6.79 18.37
CA SER A 540 28.27 -8.16 18.40
C SER A 540 29.77 -8.19 18.28
N SER A 541 30.30 -9.39 18.04
CA SER A 541 31.71 -9.57 17.77
C SER A 541 32.07 -8.80 16.52
N GLY A 542 31.11 -8.70 15.62
CA GLY A 542 31.29 -8.09 14.35
C GLY A 542 31.96 -6.79 14.24
N SER A 543 32.80 -6.66 13.21
CA SER A 543 33.37 -5.38 12.83
C SER A 543 32.25 -4.42 12.46
N ILE A 544 32.53 -3.12 12.53
CA ILE A 544 31.52 -2.10 12.28
C ILE A 544 30.86 -2.28 10.93
N GLY A 545 31.67 -2.65 9.93
CA GLY A 545 31.20 -2.88 8.61
C GLY A 545 30.43 -4.12 8.37
N ARG A 546 30.70 -5.16 9.13
CA ARG A 546 29.88 -6.36 9.05
C ARG A 546 28.48 -6.02 9.50
N ARG A 547 28.38 -5.29 10.61
CA ARG A 547 27.10 -4.85 11.13
C ARG A 547 26.40 -3.89 10.16
N TYR A 548 27.20 -3.07 9.48
CA TYR A 548 26.68 -2.19 8.42
C TYR A 548 26.04 -2.99 7.30
N ALA A 549 26.75 -4.01 6.81
CA ALA A 549 26.24 -4.85 5.74
C ALA A 549 25.02 -5.64 6.19
N ARG A 550 25.01 -6.07 7.45
CA ARG A 550 23.88 -6.78 8.02
C ARG A 550 22.64 -5.90 8.11
N THR A 551 22.85 -4.63 8.43
CA THR A 551 21.75 -3.70 8.59
C THR A 551 21.26 -3.15 7.26
N ASP A 552 22.15 -3.12 6.26
CA ASP A 552 21.81 -2.57 4.95
C ASP A 552 20.94 -3.53 4.16
N GLU A 553 21.16 -4.81 4.38
CA GLU A 553 20.38 -5.88 3.76
C GLU A 553 18.89 -5.67 3.99
N ILE A 554 18.52 -5.36 5.23
CA ILE A 554 17.12 -5.18 5.60
C ILE A 554 16.65 -3.75 5.41
N GLY A 555 17.45 -2.94 4.75
CA GLY A 555 17.06 -1.61 4.43
C GLY A 555 16.79 -0.66 5.52
N VAL A 556 17.55 -0.78 6.61
CA VAL A 556 17.49 0.21 7.67
C VAL A 556 17.89 1.55 7.08
N ALA A 557 16.99 2.52 7.18
CA ALA A 557 17.15 3.82 6.51
C ALA A 557 18.40 4.59 6.90
N PHE A 558 18.74 4.60 8.19
CA PHE A 558 19.91 5.32 8.67
C PHE A 558 20.60 4.56 9.80
N GLY A 559 21.86 4.91 10.07
CA GLY A 559 22.60 4.24 11.09
C GLY A 559 23.45 5.03 11.99
N VAL A 560 23.10 5.05 13.28
CA VAL A 560 23.91 5.75 14.27
C VAL A 560 25.08 4.90 14.74
N THR A 561 26.29 5.44 14.59
CA THR A 561 27.45 4.84 15.25
C THR A 561 28.00 5.73 16.36
N ILE A 562 28.06 5.14 17.55
CA ILE A 562 28.62 5.76 18.74
C ILE A 562 30.06 5.30 18.82
N ASP A 563 30.98 6.25 18.96
CA ASP A 563 32.39 5.92 18.91
C ASP A 563 33.18 6.54 20.05
N PHE A 564 34.48 6.63 19.85
CA PHE A 564 35.39 7.16 20.87
C PHE A 564 35.25 8.67 21.01
N ASP A 565 35.10 9.35 19.88
CA ASP A 565 34.92 10.80 19.87
C ASP A 565 33.59 11.18 20.52
N THR A 566 32.64 10.24 20.50
CA THR A 566 31.38 10.43 21.18
C THR A 566 31.60 10.39 22.68
N VAL A 567 32.43 9.46 23.11
CA VAL A 567 32.72 9.28 24.54
C VAL A 567 33.74 10.30 25.05
N ASN A 568 34.83 10.45 24.29
CA ASN A 568 35.96 11.26 24.75
C ASN A 568 35.92 12.74 24.35
N LYS A 569 34.73 13.26 24.04
CA LYS A 569 34.60 14.69 23.74
C LYS A 569 33.36 15.33 24.36
N THR A 570 33.50 16.59 24.76
CA THR A 570 32.52 17.26 25.63
C THR A 570 31.08 17.29 25.09
N PRO A 571 30.85 17.85 23.88
CA PRO A 571 29.49 17.63 23.38
C PRO A 571 29.40 16.22 22.81
N HIS A 572 28.63 15.34 23.44
CA HIS A 572 28.55 13.94 23.02
C HIS A 572 27.97 13.78 21.61
N THR A 573 28.85 13.74 20.62
CA THR A 573 28.45 13.64 19.23
C THR A 573 28.71 12.25 18.65
N ALA A 574 27.64 11.64 18.13
CA ALA A 574 27.75 10.37 17.41
C ALA A 574 27.46 10.63 15.94
N THR A 575 27.59 9.60 15.10
CA THR A 575 27.43 9.81 13.66
C THR A 575 26.17 9.15 13.08
N LEU A 576 25.57 9.83 12.11
CA LEU A 576 24.42 9.33 11.39
C LEU A 576 24.83 9.00 9.95
N ARG A 577 24.57 7.77 9.55
CA ARG A 577 25.06 7.24 8.27
C ARG A 577 23.91 6.85 7.34
N ASP A 578 23.89 7.44 6.15
CA ASP A 578 22.81 7.23 5.19
C ASP A 578 22.97 5.95 4.37
N ARG A 579 22.05 5.02 4.58
CA ARG A 579 21.97 3.74 3.86
C ARG A 579 22.37 3.82 2.38
N ASP A 580 21.50 4.40 1.56
CA ASP A 580 21.70 4.47 0.12
C ASP A 580 23.06 5.04 -0.30
N SER A 581 23.49 6.09 0.38
CA SER A 581 24.71 6.81 -0.02
C SER A 581 25.95 6.40 0.76
N MET A 582 25.76 5.74 1.89
CA MET A 582 26.85 5.33 2.80
C MET A 582 27.55 6.50 3.49
N ARG A 583 27.28 7.72 3.00
CA ARG A 583 27.86 8.92 3.58
C ARG A 583 27.33 9.16 4.98
N GLN A 584 27.89 10.14 5.68
CA GLN A 584 27.53 10.37 7.08
C GLN A 584 27.84 11.76 7.63
N ILE A 585 27.03 12.19 8.61
CA ILE A 585 27.22 13.47 9.27
C ILE A 585 27.30 13.24 10.79
N ARG A 586 27.74 14.25 11.54
CA ARG A 586 27.90 14.07 12.98
C ARG A 586 27.08 15.04 13.82
N ALA A 587 26.33 14.51 14.78
CA ALA A 587 25.50 15.36 15.63
C ALA A 587 25.47 14.86 17.08
N GLU A 588 25.05 15.71 18.00
CA GLU A 588 24.98 15.32 19.40
C GLU A 588 23.87 14.30 19.64
N ILE A 589 24.19 13.25 20.39
CA ILE A 589 23.28 12.13 20.62
C ILE A 589 22.01 12.56 21.35
N SER A 590 22.04 13.75 21.91
CA SER A 590 20.89 14.30 22.63
C SER A 590 19.74 14.67 21.71
N GLU A 591 20.06 15.07 20.47
CA GLU A 591 19.01 15.49 19.54
C GLU A 591 18.83 14.55 18.36
N LEU A 592 19.67 13.52 18.27
CA LEU A 592 19.61 12.57 17.16
C LEU A 592 18.24 11.95 16.81
N PRO A 593 17.48 11.49 17.83
CA PRO A 593 16.18 10.89 17.51
C PRO A 593 15.26 11.85 16.76
N SER A 594 15.36 13.15 17.05
CA SER A 594 14.56 14.15 16.35
C SER A 594 14.91 14.18 14.86
N ILE A 595 16.20 14.12 14.57
CA ILE A 595 16.67 14.08 13.19
C ILE A 595 16.16 12.82 12.49
N VAL A 596 16.18 11.70 13.21
CA VAL A 596 15.72 10.45 12.64
C VAL A 596 14.20 10.43 12.37
N GLN A 597 13.42 11.06 13.26
CA GLN A 597 11.99 11.22 13.03
C GLN A 597 11.77 12.05 11.79
N ASP A 598 12.29 13.27 11.86
CA ASP A 598 12.22 14.25 10.78
C ASP A 598 12.58 13.63 9.44
N LEU A 599 13.56 12.74 9.45
CA LEU A 599 13.97 11.99 8.27
C LEU A 599 12.88 11.01 7.85
N ALA A 600 12.38 10.26 8.83
CA ALA A 600 11.38 9.24 8.57
C ALA A 600 10.05 9.84 8.10
N ASN A 601 9.93 11.15 8.17
CA ASN A 601 8.68 11.81 7.82
C ASN A 601 8.76 12.85 6.71
N GLY A 602 9.80 12.78 5.87
CA GLY A 602 9.88 13.60 4.71
C GLY A 602 10.09 15.06 4.84
N ASN A 603 9.77 15.62 6.01
CA ASN A 603 9.96 17.04 6.26
C ASN A 603 11.41 17.47 6.04
N ILE A 604 12.33 16.54 6.29
CA ILE A 604 13.73 16.73 5.91
C ILE A 604 14.21 15.55 5.10
N THR A 605 14.98 15.83 4.05
CA THR A 605 15.56 14.79 3.21
C THR A 605 16.95 14.51 3.74
N TRP A 606 17.69 13.62 3.08
CA TRP A 606 19.07 13.41 3.49
C TRP A 606 19.93 14.61 3.09
N ALA A 607 19.60 15.21 1.94
CA ALA A 607 20.26 16.43 1.50
C ALA A 607 20.09 17.52 2.54
N ASP A 608 18.88 17.61 3.11
CA ASP A 608 18.60 18.53 4.20
C ASP A 608 19.55 18.29 5.37
N VAL A 609 19.72 17.03 5.74
CA VAL A 609 20.59 16.67 6.86
C VAL A 609 22.05 17.01 6.60
N GLU A 610 22.52 16.68 5.40
CA GLU A 610 23.89 17.00 5.01
C GLU A 610 24.13 18.50 5.01
N ALA A 611 23.09 19.25 4.63
CA ALA A 611 23.20 20.70 4.66
C ALA A 611 23.28 21.21 6.10
N ARG A 612 22.28 20.89 6.91
CA ARG A 612 22.15 21.44 8.26
C ARG A 612 23.26 21.05 9.22
N TYR A 613 24.04 20.02 8.88
CA TYR A 613 25.00 19.45 9.81
C TYR A 613 26.41 19.32 9.24
N PRO A 614 27.43 19.23 10.12
CA PRO A 614 28.80 19.00 9.65
C PRO A 614 28.86 17.63 8.99
N LEU A 615 29.79 17.44 8.05
CA LEU A 615 29.93 16.13 7.41
C LEU A 615 30.58 15.15 8.39
N PHE A 616 31.57 14.41 7.90
CA PHE A 616 32.34 13.54 8.77
C PHE A 616 33.75 13.38 8.22
N GLU A 617 34.71 14.05 8.87
CA GLU A 617 36.10 14.01 8.45
C GLU A 617 36.78 12.75 8.95
N GLY A 618 36.69 12.52 10.25
CA GLY A 618 37.30 11.39 10.87
C GLY A 618 37.02 11.15 12.29
N GLN A 619 37.79 10.26 12.91
CA GLN A 619 37.63 9.94 14.32
C GLN A 619 38.96 10.08 15.06
N GLU A 620 38.95 10.77 16.20
CA GLU A 620 40.17 11.08 16.91
C GLU A 620 40.14 10.72 18.39
N THR A 621 40.18 9.41 18.68
CA THR A 621 40.36 8.90 20.04
C THR A 621 40.49 7.38 20.03
N GLY A 622 40.81 6.81 21.19
CA GLY A 622 40.94 5.40 21.32
C GLY A 622 41.28 4.84 22.63
#